data_4WMS
#
_entry.id   4WMS
#
_cell.length_a   99.050
_cell.length_b   136.100
_cell.length_c   37.510
_cell.angle_alpha   90.000
_cell.angle_beta   90.000
_cell.angle_gamma   90.000
#
_symmetry.space_group_name_H-M   'P 21 21 2'
#
loop_
_entity.id
_entity.type
_entity.pdbx_description
1 polymer 'MBP-MCL1 chimera protein'
2 branched alpha-D-glucopyranose-(1-4)-alpha-D-glucopyranose
3 non-polymer 'MAGNESIUM ION'
4 non-polymer 1,2-ETHANEDIOL
5 non-polymer 'FORMIC ACID'
6 water water
#
_entity_poly.entity_id   1
_entity_poly.type   'polypeptide(L)'
_entity_poly.pdbx_seq_one_letter_code
;GKIEEGKLVIWINGDKGYNGLAEVGKKFEKDTGIKVTVEHPDKLEEKFPQVAATGDGPDIIFWAHDRFGGYAQSGLLAEI
TPDKAFQDKLYPFTWDAVRYNGKLIAYPIAVEALSLIYNKDLLPNPPKTWEEIPALDKELKAKGKSALMFNLQEPYFTWP
LIAADGGYAFKYENGKYDIKDVGVDNAGAKAGLTFLVDLIKNKHMNADTDYSIAEAAFNKGETAMTINGPWAWSNIDTSK
VNYGVTVLPTFKGQPSKPFVGVLSAGINAASPNKELAKEFLENYLLTDEGLEAVNKDKPLGAVALKSYEEELAKDPRIAA
TMENAQKGEIMPNIPQMSAFWYAVRTAVINAASGRQTVDEALKDAQTGSELYRQSLEIISRYLREQATGAADTAPMGASG
ATSRKALETLRRVGDGVQRNHETAFQGMLRKLDIKNEDDVKSLSRVMIHVFSDGVTNWGRIVTLISFGAFVAKHLKTINQ
ESCIEPLAESITDVLVRTKRDWLVKQRGWDGFVEFFHV
;
_entity_poly.pdbx_strand_id   A
#
loop_
_chem_comp.id
_chem_comp.type
_chem_comp.name
_chem_comp.formula
EDO non-polymer 1,2-ETHANEDIOL 'C2 H6 O2'
FMT non-polymer 'FORMIC ACID' 'C H2 O2'
GLC D-saccharide, alpha linking alpha-D-glucopyranose 'C6 H12 O6'
MG non-polymer 'MAGNESIUM ION' 'Mg 2'
#
# COMPACT_ATOMS: atom_id res chain seq x y z
N GLY A 1 -3.09 19.62 -21.51
CA GLY A 1 -2.08 19.34 -20.52
C GLY A 1 -0.81 18.71 -21.09
N LYS A 2 -0.17 17.86 -20.30
CA LYS A 2 1.10 17.24 -20.70
C LYS A 2 0.89 15.87 -21.35
N ILE A 3 -0.19 15.19 -21.04
CA ILE A 3 -0.47 13.90 -21.67
C ILE A 3 -1.02 14.12 -23.09
N GLU A 4 -0.47 13.39 -24.06
CA GLU A 4 -0.82 13.57 -25.48
C GLU A 4 -2.21 13.02 -25.79
N GLU A 5 -3.00 13.81 -26.52
CA GLU A 5 -4.32 13.37 -26.96
C GLU A 5 -4.22 12.37 -28.08
N GLY A 6 -5.22 11.50 -28.17
CA GLY A 6 -5.35 10.63 -29.32
C GLY A 6 -4.49 9.40 -29.32
N LYS A 7 -3.93 9.07 -28.17
CA LYS A 7 -3.19 7.83 -28.02
C LYS A 7 -3.33 7.33 -26.59
N LEU A 8 -2.88 6.11 -26.34
CA LEU A 8 -2.91 5.57 -24.99
C LEU A 8 -1.52 5.17 -24.55
N VAL A 9 -1.15 5.63 -23.38
CA VAL A 9 0.08 5.21 -22.70
C VAL A 9 -0.33 4.45 -21.43
N ILE A 10 0.17 3.21 -21.32
CA ILE A 10 -0.23 2.30 -20.26
C ILE A 10 0.98 1.82 -19.48
N TRP A 11 0.92 1.94 -18.15
CA TRP A 11 2.02 1.46 -17.32
C TRP A 11 1.61 0.25 -16.48
N ILE A 12 2.47 -0.75 -16.44
CA ILE A 12 2.21 -1.95 -15.64
C ILE A 12 3.53 -2.46 -15.05
N ASN A 13 3.47 -3.18 -13.94
CA ASN A 13 4.70 -3.59 -13.28
C ASN A 13 5.45 -4.67 -14.05
N GLY A 14 6.76 -4.68 -13.90
CA GLY A 14 7.63 -5.59 -14.63
C GLY A 14 7.48 -7.08 -14.35
N ASP A 15 6.74 -7.46 -13.31
CA ASP A 15 6.56 -8.88 -13.03
C ASP A 15 5.25 -9.38 -13.63
N LYS A 16 4.51 -8.49 -14.29
CA LYS A 16 3.24 -8.87 -14.91
C LYS A 16 3.41 -9.13 -16.41
N GLY A 17 2.35 -9.59 -17.07
CA GLY A 17 2.41 -9.95 -18.47
C GLY A 17 2.29 -8.78 -19.43
N TYR A 18 3.31 -7.92 -19.48
CA TYR A 18 3.22 -6.70 -20.26
C TYR A 18 3.32 -6.94 -21.77
N ASN A 19 3.94 -8.05 -22.16
CA ASN A 19 3.95 -8.41 -23.58
C ASN A 19 2.58 -8.86 -24.06
N GLY A 20 1.87 -9.62 -23.23
CA GLY A 20 0.50 -10.00 -23.50
C GLY A 20 -0.43 -8.79 -23.49
N LEU A 21 -0.20 -7.85 -22.59
CA LEU A 21 -1.01 -6.63 -22.54
C LEU A 21 -0.78 -5.83 -23.82
N ALA A 22 0.47 -5.76 -24.26
CA ALA A 22 0.79 -5.09 -25.51
C ALA A 22 0.09 -5.71 -26.71
N GLU A 23 -0.13 -7.02 -26.69
CA GLU A 23 -0.91 -7.69 -27.74
C GLU A 23 -2.35 -7.17 -27.80
N VAL A 24 -2.92 -6.92 -26.62
CA VAL A 24 -4.26 -6.34 -26.54
C VAL A 24 -4.21 -4.92 -27.09
N GLY A 25 -3.18 -4.19 -26.73
CA GLY A 25 -2.94 -2.87 -27.31
C GLY A 25 -2.82 -2.88 -28.83
N LYS A 26 -2.15 -3.89 -29.37
CA LYS A 26 -2.03 -4.03 -30.82
C LYS A 26 -3.38 -4.28 -31.49
N LYS A 27 -4.26 -5.03 -30.83
CA LYS A 27 -5.59 -5.28 -31.40
C LYS A 27 -6.42 -4.00 -31.37
N PHE A 28 -6.34 -3.24 -30.29
CA PHE A 28 -7.01 -1.94 -30.20
C PHE A 28 -6.54 -1.03 -31.35
N GLU A 29 -5.23 -0.99 -31.52
CA GLU A 29 -4.59 -0.22 -32.59
C GLU A 29 -5.08 -0.62 -33.98
N LYS A 30 -5.18 -1.91 -34.22
CA LYS A 30 -5.63 -2.43 -35.52
C LYS A 30 -7.05 -1.96 -35.84
N ASP A 31 -7.93 -2.02 -34.85
CA ASP A 31 -9.33 -1.61 -35.02
C ASP A 31 -9.49 -0.12 -35.28
N THR A 32 -8.70 0.69 -34.58
CA THR A 32 -8.98 2.13 -34.51
C THR A 32 -7.94 3.04 -35.16
N GLY A 33 -6.74 2.52 -35.42
CA GLY A 33 -5.65 3.35 -35.90
C GLY A 33 -5.06 4.23 -34.80
N ILE A 34 -5.38 3.93 -33.55
CA ILE A 34 -4.92 4.71 -32.41
CA ILE A 34 -4.90 4.72 -32.42
C ILE A 34 -3.77 3.99 -31.70
N LYS A 35 -2.63 4.67 -31.56
CA LYS A 35 -1.44 4.05 -30.96
C LYS A 35 -1.64 3.72 -29.51
N VAL A 36 -1.26 2.49 -29.13
CA VAL A 36 -1.19 2.12 -27.73
C VAL A 36 0.26 1.74 -27.39
N THR A 37 0.78 2.30 -26.31
CA THR A 37 2.14 1.96 -25.87
C THR A 37 2.14 1.45 -24.44
N VAL A 38 2.72 0.28 -24.23
CA VAL A 38 2.83 -0.29 -22.88
C VAL A 38 4.26 -0.13 -22.37
N GLU A 39 4.40 0.39 -21.15
CA GLU A 39 5.71 0.54 -20.51
C GLU A 39 5.71 -0.13 -19.14
N HIS A 40 6.88 -0.56 -18.68
CA HIS A 40 6.97 -1.13 -17.34
C HIS A 40 8.11 -0.49 -16.57
N PRO A 41 7.90 0.77 -16.15
CA PRO A 41 8.93 1.57 -15.49
C PRO A 41 9.35 0.96 -14.16
N ASP A 42 10.62 1.13 -13.80
CA ASP A 42 11.09 0.75 -12.47
C ASP A 42 10.38 1.58 -11.39
N LYS A 43 10.21 1.02 -10.20
CA LYS A 43 9.59 1.72 -9.06
C LYS A 43 8.27 2.40 -9.45
N LEU A 44 7.50 1.70 -10.28
CA LEU A 44 6.23 2.16 -10.83
C LEU A 44 5.29 2.81 -9.81
N GLU A 45 5.17 2.15 -8.66
CA GLU A 45 4.19 2.60 -7.68
C GLU A 45 4.59 3.92 -7.01
N GLU A 46 5.86 4.31 -7.19
CA GLU A 46 6.38 5.59 -6.73
C GLU A 46 6.50 6.58 -7.88
N LYS A 47 6.82 6.07 -9.07
CA LYS A 47 6.98 6.92 -10.24
C LYS A 47 5.63 7.49 -10.64
N PHE A 48 4.57 6.68 -10.61
CA PHE A 48 3.28 7.19 -11.06
C PHE A 48 2.79 8.42 -10.30
N PRO A 49 2.74 8.37 -8.94
CA PRO A 49 2.25 9.58 -8.28
C PRO A 49 3.17 10.78 -8.47
N GLN A 50 4.47 10.53 -8.65
CA GLN A 50 5.42 11.60 -8.91
C GLN A 50 5.02 12.37 -10.17
N VAL A 51 4.86 11.67 -11.29
CA VAL A 51 4.57 12.34 -12.55
C VAL A 51 3.10 12.79 -12.65
N ALA A 52 2.18 12.00 -12.10
CA ALA A 52 0.76 12.36 -12.19
C ALA A 52 0.44 13.61 -11.37
N ALA A 53 1.19 13.83 -10.29
CA ALA A 53 0.97 14.99 -9.45
C ALA A 53 1.20 16.29 -10.23
N THR A 54 1.91 16.23 -11.35
CA THR A 54 2.12 17.39 -12.18
C THR A 54 1.28 17.36 -13.47
N GLY A 55 0.32 16.45 -13.52
CA GLY A 55 -0.57 16.33 -14.67
C GLY A 55 0.05 15.54 -15.81
N ASP A 56 1.09 14.77 -15.51
CA ASP A 56 1.81 13.99 -16.52
C ASP A 56 1.60 12.49 -16.28
N GLY A 57 2.31 11.66 -17.06
CA GLY A 57 2.27 10.23 -16.86
C GLY A 57 1.40 9.48 -17.84
N PRO A 58 1.08 8.22 -17.51
CA PRO A 58 0.31 7.34 -18.40
C PRO A 58 -1.16 7.68 -18.37
N ASP A 59 -1.89 7.30 -19.41
CA ASP A 59 -3.34 7.39 -19.37
C ASP A 59 -3.92 6.38 -18.41
N ILE A 60 -3.29 5.20 -18.36
CA ILE A 60 -3.78 4.06 -17.61
C ILE A 60 -2.65 3.52 -16.72
N ILE A 61 -2.94 3.36 -15.44
CA ILE A 61 -1.96 2.82 -14.50
C ILE A 61 -2.43 1.50 -13.88
N PHE A 62 -1.60 0.46 -13.94
CA PHE A 62 -1.87 -0.83 -13.28
C PHE A 62 -1.10 -1.00 -11.99
N TRP A 63 -1.80 -1.39 -10.92
CA TRP A 63 -1.16 -1.82 -9.68
C TRP A 63 -2.20 -2.57 -8.86
N ALA A 64 -1.77 -3.30 -7.82
CA ALA A 64 -2.74 -3.82 -6.85
C ALA A 64 -3.56 -2.66 -6.30
N HIS A 65 -4.80 -2.94 -5.90
CA HIS A 65 -5.75 -1.90 -5.50
C HIS A 65 -5.33 -1.12 -4.24
N ASP A 66 -4.45 -1.69 -3.41
CA ASP A 66 -4.12 -1.06 -2.12
C ASP A 66 -3.55 0.36 -2.25
N ARG A 67 -2.85 0.62 -3.36
CA ARG A 67 -2.26 1.93 -3.61
C ARG A 67 -3.22 3.00 -4.15
N PHE A 68 -4.35 2.58 -4.69
CA PHE A 68 -5.21 3.49 -5.45
CA PHE A 68 -5.20 3.50 -5.45
C PHE A 68 -5.99 4.48 -4.59
N GLY A 69 -6.27 4.14 -3.34
CA GLY A 69 -6.94 5.09 -2.47
C GLY A 69 -6.09 6.35 -2.28
N GLY A 70 -4.81 6.15 -2.04
CA GLY A 70 -3.87 7.26 -1.97
C GLY A 70 -3.84 8.09 -3.24
N TYR A 71 -3.77 7.42 -4.38
CA TYR A 71 -3.80 8.10 -5.67
C TYR A 71 -5.09 8.93 -5.80
N ALA A 72 -6.22 8.31 -5.52
CA ALA A 72 -7.51 9.01 -5.59
C ALA A 72 -7.57 10.18 -4.63
N GLN A 73 -7.08 9.98 -3.41
CA GLN A 73 -7.09 11.04 -2.40
C GLN A 73 -6.28 12.24 -2.87
N SER A 74 -5.20 11.98 -3.59
CA SER A 74 -4.33 13.02 -4.13
C SER A 74 -4.84 13.57 -5.46
N GLY A 75 -6.03 13.18 -5.88
CA GLY A 75 -6.64 13.72 -7.08
C GLY A 75 -6.04 13.23 -8.39
N LEU A 76 -5.39 12.07 -8.36
CA LEU A 76 -4.67 11.58 -9.53
C LEU A 76 -5.47 10.62 -10.40
N LEU A 77 -6.62 10.17 -9.90
CA LEU A 77 -7.43 9.20 -10.61
C LEU A 77 -8.80 9.75 -11.02
N ALA A 78 -9.27 9.34 -12.19
CA ALA A 78 -10.60 9.71 -12.64
C ALA A 78 -11.58 8.75 -12.01
N GLU A 79 -12.79 9.23 -11.70
CA GLU A 79 -13.83 8.32 -11.27
C GLU A 79 -14.22 7.49 -12.47
N ILE A 80 -14.36 6.18 -12.32
CA ILE A 80 -14.79 5.41 -13.45
C ILE A 80 -16.28 5.10 -13.29
N THR A 81 -16.98 4.98 -14.40
CA THR A 81 -18.43 4.81 -14.37
C THR A 81 -18.90 3.78 -15.37
N PRO A 82 -18.60 2.50 -15.11
CA PRO A 82 -19.12 1.48 -16.00
C PRO A 82 -20.63 1.39 -15.89
N ASP A 83 -21.28 1.05 -16.99
CA ASP A 83 -22.72 0.91 -16.95
C ASP A 83 -23.03 -0.37 -16.18
N LYS A 84 -24.28 -0.52 -15.75
CA LYS A 84 -24.70 -1.64 -14.93
C LYS A 84 -24.36 -2.99 -15.59
N ALA A 85 -24.57 -3.07 -16.90
CA ALA A 85 -24.30 -4.33 -17.61
C ALA A 85 -22.81 -4.68 -17.55
N PHE A 86 -21.93 -3.70 -17.64
CA PHE A 86 -20.52 -4.04 -17.56
C PHE A 86 -20.14 -4.42 -16.14
N GLN A 87 -20.61 -3.65 -15.16
CA GLN A 87 -20.35 -3.99 -13.76
C GLN A 87 -20.76 -5.41 -13.39
N ASP A 88 -21.93 -5.84 -13.87
CA ASP A 88 -22.46 -7.14 -13.53
C ASP A 88 -21.63 -8.29 -14.12
N LYS A 89 -20.73 -7.98 -15.04
CA LYS A 89 -19.85 -9.01 -15.59
C LYS A 89 -18.69 -9.37 -14.66
N LEU A 90 -18.47 -8.57 -13.62
CA LEU A 90 -17.36 -8.84 -12.72
C LEU A 90 -17.90 -9.15 -11.33
N TYR A 91 -17.13 -9.91 -10.54
CA TYR A 91 -17.56 -10.24 -9.19
C TYR A 91 -17.68 -9.00 -8.34
N PRO A 92 -18.84 -8.85 -7.67
CA PRO A 92 -19.07 -7.68 -6.82
C PRO A 92 -17.92 -7.38 -5.87
N PHE A 93 -17.27 -8.40 -5.30
CA PHE A 93 -16.23 -8.13 -4.31
C PHE A 93 -14.97 -7.54 -4.95
N THR A 94 -14.83 -7.69 -6.26
CA THR A 94 -13.67 -7.09 -6.90
C THR A 94 -13.93 -5.60 -7.10
N TRP A 95 -15.18 -5.21 -7.34
CA TRP A 95 -15.49 -3.78 -7.41
C TRP A 95 -15.32 -3.14 -6.04
N ASP A 96 -15.69 -3.88 -5.00
CA ASP A 96 -15.50 -3.40 -3.62
C ASP A 96 -14.05 -2.97 -3.38
N ALA A 97 -13.09 -3.76 -3.84
CA ALA A 97 -11.67 -3.44 -3.66
C ALA A 97 -11.26 -2.11 -4.31
N VAL A 98 -12.03 -1.64 -5.30
CA VAL A 98 -11.66 -0.42 -6.01
C VAL A 98 -12.68 0.70 -5.79
N ARG A 99 -13.44 0.58 -4.71
CA ARG A 99 -14.30 1.67 -4.29
C ARG A 99 -13.57 2.49 -3.20
N TYR A 100 -13.60 3.80 -3.35
CA TYR A 100 -12.99 4.71 -2.39
C TYR A 100 -13.88 5.92 -2.15
N ASN A 101 -14.26 6.14 -0.89
CA ASN A 101 -15.17 7.22 -0.51
C ASN A 101 -16.42 7.18 -1.37
N GLY A 102 -16.94 5.98 -1.58
CA GLY A 102 -18.19 5.78 -2.29
C GLY A 102 -18.12 5.79 -3.81
N LYS A 103 -16.92 6.01 -4.36
CA LYS A 103 -16.73 6.07 -5.80
C LYS A 103 -15.80 4.97 -6.31
N LEU A 104 -16.09 4.46 -7.50
CA LEU A 104 -15.19 3.53 -8.18
C LEU A 104 -14.03 4.31 -8.77
N ILE A 105 -12.80 3.86 -8.50
CA ILE A 105 -11.63 4.63 -8.93
CA ILE A 105 -11.62 4.62 -8.91
C ILE A 105 -10.68 3.79 -9.79
N ALA A 106 -11.13 2.60 -10.17
CA ALA A 106 -10.33 1.70 -11.00
C ALA A 106 -11.15 0.54 -11.53
N TYR A 107 -10.68 -0.08 -12.60
CA TYR A 107 -11.21 -1.37 -13.05
C TYR A 107 -10.45 -2.52 -12.38
N PRO A 108 -11.17 -3.42 -11.70
CA PRO A 108 -10.56 -4.62 -11.13
C PRO A 108 -10.23 -5.63 -12.25
N ILE A 109 -9.04 -6.22 -12.18
CA ILE A 109 -8.59 -7.15 -13.22
C ILE A 109 -8.51 -8.59 -12.69
N ALA A 110 -7.83 -8.77 -11.57
CA ALA A 110 -7.58 -10.13 -11.09
C ALA A 110 -7.27 -10.16 -9.60
N VAL A 111 -7.61 -11.27 -8.95
CA VAL A 111 -7.31 -11.45 -7.55
C VAL A 111 -5.97 -12.18 -7.37
N GLU A 112 -5.03 -11.51 -6.71
CA GLU A 112 -3.72 -12.09 -6.46
C GLU A 112 -3.59 -12.52 -5.01
N ALA A 113 -3.11 -13.74 -4.79
CA ALA A 113 -2.70 -14.18 -3.45
C ALA A 113 -1.44 -15.05 -3.55
N LEU A 114 -0.54 -14.89 -2.58
CA LEU A 114 0.66 -15.72 -2.48
C LEU A 114 0.32 -17.16 -2.14
N SER A 115 1.08 -18.10 -2.72
CA SER A 115 0.96 -19.49 -2.32
C SER A 115 2.32 -20.08 -2.01
N LEU A 116 2.34 -21.26 -1.39
CA LEU A 116 3.56 -22.05 -1.25
C LEU A 116 3.76 -22.81 -2.56
N ILE A 117 4.91 -22.59 -3.18
CA ILE A 117 5.28 -23.27 -4.41
C ILE A 117 6.42 -24.20 -4.12
N TYR A 118 6.29 -25.47 -4.48
CA TYR A 118 7.27 -26.46 -4.07
C TYR A 118 7.69 -27.38 -5.20
N ASN A 119 8.91 -27.87 -5.10
CA ASN A 119 9.49 -28.77 -6.09
C ASN A 119 9.12 -30.19 -5.71
N LYS A 120 8.23 -30.80 -6.49
CA LYS A 120 7.72 -32.14 -6.18
C LYS A 120 8.79 -33.23 -6.22
N ASP A 121 9.88 -32.97 -6.95
CA ASP A 121 10.94 -33.96 -7.07
C ASP A 121 11.83 -33.96 -5.84
N LEU A 122 11.94 -32.81 -5.17
CA LEU A 122 12.74 -32.69 -3.95
C LEU A 122 11.90 -32.90 -2.71
N LEU A 123 10.65 -32.49 -2.82
CA LEU A 123 9.80 -32.35 -1.66
C LEU A 123 8.37 -32.79 -1.97
N PRO A 124 8.16 -34.10 -2.14
CA PRO A 124 6.85 -34.56 -2.60
C PRO A 124 5.74 -34.30 -1.59
N ASN A 125 6.07 -34.09 -0.33
CA ASN A 125 5.08 -33.76 0.69
C ASN A 125 5.49 -32.51 1.43
N PRO A 126 5.08 -31.34 0.93
CA PRO A 126 5.51 -30.05 1.51
C PRO A 126 5.03 -29.91 2.95
N PRO A 127 5.80 -29.19 3.78
CA PRO A 127 5.47 -29.10 5.20
C PRO A 127 4.17 -28.34 5.46
N LYS A 128 3.37 -28.82 6.40
CA LYS A 128 2.14 -28.15 6.76
C LYS A 128 2.38 -26.99 7.72
N THR A 129 3.54 -26.98 8.38
CA THR A 129 3.89 -25.94 9.37
C THR A 129 5.21 -25.25 9.08
N TRP A 130 5.31 -23.99 9.48
CA TRP A 130 6.59 -23.27 9.44
C TRP A 130 7.61 -23.91 10.37
N GLU A 131 7.12 -24.42 11.50
CA GLU A 131 7.98 -24.93 12.56
C GLU A 131 8.84 -26.12 12.13
N GLU A 132 8.38 -26.90 11.17
CA GLU A 132 9.18 -28.05 10.75
C GLU A 132 10.21 -27.70 9.67
N ILE A 133 10.25 -26.44 9.24
CA ILE A 133 11.14 -26.04 8.14
C ILE A 133 12.63 -26.07 8.51
N PRO A 134 13.02 -25.63 9.75
CA PRO A 134 14.43 -25.80 10.10
C PRO A 134 14.94 -27.23 9.98
N ALA A 135 14.18 -28.21 10.44
CA ALA A 135 14.58 -29.60 10.34
C ALA A 135 14.59 -30.06 8.89
N LEU A 136 13.64 -29.56 8.11
CA LEU A 136 13.60 -29.92 6.70
C LEU A 136 14.80 -29.36 5.94
N ASP A 137 15.24 -28.16 6.33
CA ASP A 137 16.40 -27.55 5.69
C ASP A 137 17.66 -28.35 6.02
N LYS A 138 17.77 -28.81 7.26
CA LYS A 138 18.93 -29.65 7.62
C LYS A 138 18.99 -30.92 6.78
N GLU A 139 17.84 -31.56 6.54
CA GLU A 139 17.82 -32.78 5.72
C GLU A 139 18.26 -32.45 4.30
N LEU A 140 17.66 -31.40 3.75
CA LEU A 140 17.93 -31.03 2.35
C LEU A 140 19.38 -30.54 2.16
N LYS A 141 19.92 -29.83 3.15
CA LYS A 141 21.29 -29.34 3.06
C LYS A 141 22.29 -30.51 2.92
N ALA A 142 22.01 -31.64 3.58
CA ALA A 142 22.85 -32.84 3.42
C ALA A 142 22.90 -33.34 1.97
N LYS A 143 21.95 -32.89 1.14
CA LYS A 143 21.89 -33.22 -0.27
C LYS A 143 22.23 -32.05 -1.19
N GLY A 144 22.77 -30.98 -0.62
CA GLY A 144 23.12 -29.80 -1.42
C GLY A 144 21.92 -28.97 -1.85
N LYS A 145 20.84 -29.02 -1.08
CA LYS A 145 19.63 -28.25 -1.37
C LYS A 145 19.24 -27.44 -0.16
N SER A 146 18.40 -26.42 -0.35
CA SER A 146 17.80 -25.73 0.77
C SER A 146 16.29 -25.89 0.76
N ALA A 147 15.65 -25.63 1.90
CA ALA A 147 14.23 -25.85 1.98
C ALA A 147 13.41 -24.73 1.34
N LEU A 148 13.79 -23.48 1.60
CA LEU A 148 12.89 -22.35 1.28
C LEU A 148 13.65 -21.07 0.95
N MET A 149 13.28 -20.43 -0.16
CA MET A 149 13.84 -19.12 -0.53
C MET A 149 12.74 -18.24 -1.10
N PHE A 150 12.59 -17.04 -0.53
CA PHE A 150 11.63 -16.08 -1.04
C PHE A 150 12.13 -14.66 -0.82
N ASN A 151 11.52 -13.72 -1.52
CA ASN A 151 11.92 -12.33 -1.47
C ASN A 151 11.78 -11.74 -0.06
N LEU A 152 12.90 -11.40 0.56
CA LEU A 152 12.88 -10.76 1.88
C LEU A 152 12.99 -9.23 1.81
N GLN A 153 13.01 -8.66 0.60
CA GLN A 153 13.17 -7.21 0.46
C GLN A 153 11.85 -6.48 0.36
N GLU A 154 10.77 -7.24 0.23
CA GLU A 154 9.42 -6.67 0.14
C GLU A 154 8.54 -7.34 1.18
N PRO A 155 7.90 -6.55 2.05
CA PRO A 155 7.11 -7.05 3.18
C PRO A 155 5.89 -7.88 2.81
N TYR A 156 5.36 -7.70 1.60
CA TYR A 156 4.30 -8.53 1.05
C TYR A 156 4.52 -10.04 1.27
N PHE A 157 5.77 -10.47 1.09
CA PHE A 157 6.10 -11.89 1.12
C PHE A 157 6.24 -12.44 2.54
N THR A 158 6.62 -11.56 3.47
CA THR A 158 6.78 -11.96 4.88
C THR A 158 5.49 -11.73 5.67
N TRP A 159 4.65 -10.83 5.19
CA TRP A 159 3.38 -10.53 5.87
C TRP A 159 2.53 -11.75 6.27
N PRO A 160 2.43 -12.77 5.38
CA PRO A 160 1.58 -13.90 5.78
C PRO A 160 2.00 -14.54 7.10
N LEU A 161 3.32 -14.55 7.35
CA LEU A 161 3.89 -15.14 8.56
C LEU A 161 3.67 -14.21 9.76
N ILE A 162 3.87 -12.92 9.54
CA ILE A 162 3.62 -11.92 10.57
C ILE A 162 2.17 -11.93 11.06
N ALA A 163 1.24 -12.11 10.13
CA ALA A 163 -0.19 -12.05 10.41
C ALA A 163 -0.70 -13.33 11.05
N ALA A 164 0.02 -14.42 10.83
CA ALA A 164 -0.40 -15.75 11.26
C ALA A 164 -0.87 -15.81 12.70
N ASP A 165 0.00 -15.43 13.65
CA ASP A 165 -0.35 -15.53 15.08
C ASP A 165 -0.91 -14.22 15.64
N GLY A 166 -1.44 -13.36 14.78
CA GLY A 166 -2.22 -12.24 15.28
C GLY A 166 -1.77 -10.84 14.87
N GLY A 167 -0.69 -10.75 14.10
CA GLY A 167 -0.27 -9.45 13.59
C GLY A 167 -1.33 -8.94 12.63
N TYR A 168 -1.57 -7.63 12.58
CA TYR A 168 -2.47 -7.07 11.59
C TYR A 168 -2.09 -5.64 11.25
N ALA A 169 -2.59 -5.13 10.14
CA ALA A 169 -2.30 -3.75 9.75
C ALA A 169 -3.25 -2.81 10.47
N PHE A 170 -4.41 -2.60 9.88
CA PHE A 170 -5.46 -1.80 10.50
C PHE A 170 -6.61 -2.73 10.84
N LYS A 171 -7.02 -2.71 12.11
CA LYS A 171 -8.01 -3.64 12.65
C LYS A 171 -9.26 -3.77 11.79
N TYR A 172 -9.62 -5.02 11.50
CA TYR A 172 -10.85 -5.35 10.77
C TYR A 172 -11.68 -6.35 11.57
N GLU A 173 -12.86 -5.93 12.01
CA GLU A 173 -13.71 -6.75 12.87
C GLU A 173 -15.17 -6.74 12.43
N TYR A 177 -13.44 -1.39 9.75
CA TYR A 177 -12.09 -0.96 10.11
C TYR A 177 -12.07 0.06 11.25
N ASP A 178 -11.08 -0.06 12.13
CA ASP A 178 -10.74 1.03 13.04
C ASP A 178 -9.28 1.34 12.75
N ILE A 179 -9.06 2.41 11.97
CA ILE A 179 -7.74 2.77 11.49
C ILE A 179 -6.81 3.12 12.63
N LYS A 180 -7.37 3.58 13.75
CA LYS A 180 -6.55 3.94 14.91
C LYS A 180 -5.95 2.69 15.57
N ASP A 181 -6.58 1.54 15.37
CA ASP A 181 -6.11 0.27 15.91
C ASP A 181 -5.16 -0.45 14.94
N VAL A 182 -3.88 -0.48 15.30
CA VAL A 182 -2.84 -1.02 14.42
C VAL A 182 -2.10 -2.14 15.14
N GLY A 183 -1.88 -3.26 14.45
CA GLY A 183 -1.32 -4.43 15.12
C GLY A 183 0.01 -4.85 14.54
N VAL A 184 0.86 -3.88 14.26
CA VAL A 184 2.15 -4.15 13.64
C VAL A 184 3.17 -4.60 14.69
N ASP A 185 3.03 -4.13 15.93
CA ASP A 185 4.00 -4.52 16.95
C ASP A 185 3.38 -5.26 18.16
N ASN A 186 2.35 -6.07 17.92
CA ASN A 186 1.82 -6.89 19.00
C ASN A 186 2.58 -8.21 19.10
N ALA A 187 2.22 -9.05 20.06
CA ALA A 187 2.96 -10.29 20.29
C ALA A 187 2.91 -11.23 19.07
N GLY A 188 1.75 -11.28 18.42
CA GLY A 188 1.59 -12.12 17.23
C GLY A 188 2.53 -11.72 16.10
N ALA A 189 2.63 -10.43 15.84
CA ALA A 189 3.56 -9.95 14.80
C ALA A 189 4.99 -10.22 15.23
N LYS A 190 5.29 -9.99 16.50
CA LYS A 190 6.65 -10.21 16.99
C LYS A 190 7.07 -11.68 16.89
N ALA A 191 6.16 -12.59 17.22
CA ALA A 191 6.46 -14.03 17.08
C ALA A 191 6.76 -14.43 15.64
N GLY A 192 5.99 -13.89 14.70
CA GLY A 192 6.18 -14.23 13.30
C GLY A 192 7.52 -13.73 12.78
N LEU A 193 7.81 -12.46 13.01
CA LEU A 193 9.08 -11.89 12.55
C LEU A 193 10.26 -12.53 13.26
N THR A 194 10.10 -12.86 14.54
CA THR A 194 11.17 -13.52 15.28
C THR A 194 11.47 -14.89 14.66
N PHE A 195 10.44 -15.62 14.25
CA PHE A 195 10.67 -16.90 13.60
C PHE A 195 11.49 -16.72 12.32
N LEU A 196 11.11 -15.71 11.53
CA LEU A 196 11.85 -15.37 10.31
C LEU A 196 13.33 -15.07 10.61
N VAL A 197 13.57 -14.24 11.60
CA VAL A 197 14.95 -13.85 11.92
C VAL A 197 15.74 -15.05 12.41
N ASP A 198 15.12 -15.94 13.17
CA ASP A 198 15.79 -17.15 13.67
C ASP A 198 16.20 -18.07 12.50
N LEU A 199 15.35 -18.17 11.48
CA LEU A 199 15.68 -18.94 10.27
C LEU A 199 16.97 -18.41 9.66
N ILE A 200 17.11 -17.09 9.66
CA ILE A 200 18.29 -16.44 9.12
C ILE A 200 19.50 -16.66 10.02
N LYS A 201 19.32 -16.47 11.33
N LYS A 201 19.34 -16.51 11.33
CA LYS A 201 20.40 -16.67 12.30
CA LYS A 201 20.47 -16.64 12.23
C LYS A 201 20.95 -18.10 12.22
C LYS A 201 20.94 -18.11 12.33
N ASN A 202 20.05 -19.04 11.98
CA ASN A 202 20.42 -20.46 11.93
C ASN A 202 20.76 -20.93 10.52
N LYS A 203 20.98 -19.98 9.64
CA LYS A 203 21.45 -20.21 8.27
C LYS A 203 20.52 -21.10 7.42
N HIS A 204 19.21 -20.95 7.63
CA HIS A 204 18.20 -21.59 6.76
C HIS A 204 17.72 -20.64 5.69
N MET A 205 17.97 -19.34 5.89
CA MET A 205 17.71 -18.31 4.90
C MET A 205 18.79 -17.24 5.01
N ASN A 206 18.85 -16.37 4.00
CA ASN A 206 19.83 -15.29 3.92
C ASN A 206 19.13 -13.93 3.79
N ALA A 207 19.46 -12.98 4.66
CA ALA A 207 18.76 -11.70 4.70
C ALA A 207 18.82 -10.92 3.40
N ASP A 208 19.79 -11.26 2.55
CA ASP A 208 19.97 -10.56 1.28
C ASP A 208 19.09 -11.08 0.15
N THR A 209 18.39 -12.19 0.39
CA THR A 209 17.57 -12.78 -0.68
C THR A 209 16.47 -11.83 -1.18
N ASP A 210 16.45 -11.61 -2.50
CA ASP A 210 15.42 -10.77 -3.11
C ASP A 210 14.60 -11.58 -4.10
N TYR A 211 13.79 -10.92 -4.91
CA TYR A 211 12.95 -11.65 -5.86
C TYR A 211 13.76 -12.47 -6.88
N SER A 212 14.73 -11.83 -7.53
CA SER A 212 15.49 -12.51 -8.58
CA SER A 212 15.50 -12.50 -8.57
C SER A 212 16.28 -13.68 -8.01
N ILE A 213 16.88 -13.50 -6.84
CA ILE A 213 17.69 -14.54 -6.24
C ILE A 213 16.85 -15.76 -5.85
N ALA A 214 15.70 -15.53 -5.21
CA ALA A 214 14.83 -16.65 -4.87
C ALA A 214 14.23 -17.34 -6.11
N GLU A 215 13.77 -16.55 -7.09
CA GLU A 215 13.21 -17.13 -8.32
C GLU A 215 14.24 -18.01 -9.03
N ALA A 216 15.46 -17.51 -9.14
CA ALA A 216 16.53 -18.25 -9.80
C ALA A 216 16.84 -19.52 -9.03
N ALA A 217 16.93 -19.44 -7.71
CA ALA A 217 17.26 -20.62 -6.91
C ALA A 217 16.19 -21.69 -7.05
N PHE A 218 14.92 -21.28 -7.09
CA PHE A 218 13.85 -22.27 -7.20
C PHE A 218 13.85 -22.86 -8.61
N ASN A 219 13.97 -22.00 -9.61
CA ASN A 219 13.82 -22.48 -10.98
C ASN A 219 15.04 -23.24 -11.45
N LYS A 220 16.15 -23.11 -10.72
CA LYS A 220 17.33 -23.92 -10.99
C LYS A 220 17.30 -25.22 -10.18
N GLY A 221 16.26 -25.40 -9.37
CA GLY A 221 16.15 -26.59 -8.55
C GLY A 221 17.12 -26.65 -7.38
N GLU A 222 17.51 -25.50 -6.87
CA GLU A 222 18.43 -25.46 -5.72
C GLU A 222 17.71 -25.40 -4.38
N THR A 223 16.50 -24.86 -4.39
CA THR A 223 15.69 -24.77 -3.17
C THR A 223 14.34 -25.48 -3.37
N ALA A 224 13.87 -26.19 -2.35
CA ALA A 224 12.66 -27.00 -2.50
C ALA A 224 11.38 -26.18 -2.56
N MET A 225 11.41 -24.97 -2.00
CA MET A 225 10.22 -24.15 -1.87
C MET A 225 10.48 -22.68 -2.11
N THR A 226 9.47 -21.98 -2.62
CA THR A 226 9.48 -20.53 -2.64
C THR A 226 8.08 -20.00 -2.31
N ILE A 227 7.96 -18.71 -2.07
CA ILE A 227 6.64 -18.11 -1.87
C ILE A 227 6.43 -17.04 -2.93
N ASN A 228 5.33 -17.13 -3.66
CA ASN A 228 5.11 -16.23 -4.79
C ASN A 228 3.69 -16.28 -5.31
N GLY A 229 3.37 -15.35 -6.21
CA GLY A 229 2.03 -15.27 -6.76
C GLY A 229 1.97 -15.88 -8.15
N PRO A 230 0.77 -15.83 -8.78
CA PRO A 230 0.56 -16.53 -10.06
C PRO A 230 1.46 -16.05 -11.19
N TRP A 231 1.94 -14.81 -11.13
CA TRP A 231 2.74 -14.25 -12.20
C TRP A 231 4.06 -15.00 -12.36
N ALA A 232 4.47 -15.66 -11.28
CA ALA A 232 5.74 -16.38 -11.28
C ALA A 232 5.68 -17.73 -11.99
N TRP A 233 4.48 -18.25 -12.25
CA TRP A 233 4.36 -19.64 -12.73
C TRP A 233 4.93 -19.83 -14.13
N SER A 234 4.82 -18.80 -14.97
CA SER A 234 5.33 -18.87 -16.35
C SER A 234 6.81 -19.21 -16.40
N ASN A 235 7.60 -18.53 -15.59
CA ASN A 235 9.02 -18.81 -15.61
C ASN A 235 9.32 -20.18 -15.06
N ILE A 236 8.55 -20.62 -14.06
CA ILE A 236 8.71 -21.98 -13.53
C ILE A 236 8.38 -23.00 -14.62
N ASP A 237 7.31 -22.77 -15.37
CA ASP A 237 6.97 -23.63 -16.51
C ASP A 237 8.17 -23.77 -17.45
N THR A 238 8.77 -22.63 -17.79
CA THR A 238 9.88 -22.59 -18.74
C THR A 238 11.09 -23.39 -18.23
N SER A 239 11.31 -23.32 -16.92
CA SER A 239 12.44 -23.99 -16.29
C SER A 239 12.29 -25.51 -16.18
N LYS A 240 11.08 -26.03 -16.45
CA LYS A 240 10.80 -27.47 -16.42
C LYS A 240 10.85 -28.12 -15.03
N VAL A 241 10.93 -27.30 -13.98
CA VAL A 241 10.83 -27.84 -12.64
C VAL A 241 9.45 -28.44 -12.43
N ASN A 242 9.40 -29.61 -11.78
CA ASN A 242 8.12 -30.26 -11.49
C ASN A 242 7.52 -29.66 -10.22
N TYR A 243 6.67 -28.66 -10.38
CA TYR A 243 6.24 -27.91 -9.20
C TYR A 243 4.77 -28.07 -8.89
N GLY A 244 4.45 -27.83 -7.62
CA GLY A 244 3.08 -27.77 -7.15
C GLY A 244 2.81 -26.46 -6.44
N VAL A 245 1.54 -26.10 -6.32
CA VAL A 245 1.17 -24.83 -5.69
C VAL A 245 0.18 -25.18 -4.58
N THR A 246 0.45 -24.76 -3.35
CA THR A 246 -0.35 -25.27 -2.25
C THR A 246 -0.54 -24.26 -1.12
N VAL A 247 -1.19 -24.69 -0.04
CA VAL A 247 -1.51 -23.76 1.03
C VAL A 247 -0.23 -23.41 1.78
N LEU A 248 -0.11 -22.16 2.21
CA LEU A 248 1.04 -21.72 2.99
C LEU A 248 1.08 -22.50 4.31
N PRO A 249 2.28 -22.69 4.87
CA PRO A 249 2.38 -23.43 6.14
C PRO A 249 1.73 -22.66 7.27
N THR A 250 1.28 -23.36 8.31
CA THR A 250 0.74 -22.72 9.48
C THR A 250 1.85 -22.27 10.41
N PHE A 251 1.52 -21.33 11.28
CA PHE A 251 2.48 -20.91 12.28
C PHE A 251 1.76 -20.86 13.61
N LYS A 252 2.29 -21.57 14.60
CA LYS A 252 1.61 -21.76 15.88
C LYS A 252 0.18 -22.25 15.68
N GLY A 253 0.04 -23.22 14.78
CA GLY A 253 -1.23 -23.85 14.49
C GLY A 253 -2.25 -22.96 13.78
N GLN A 254 -1.81 -21.77 13.38
CA GLN A 254 -2.69 -20.82 12.69
C GLN A 254 -2.26 -20.62 11.24
N PRO A 255 -3.24 -20.49 10.34
CA PRO A 255 -2.96 -20.27 8.91
C PRO A 255 -2.14 -19.01 8.67
N SER A 256 -1.17 -19.07 7.76
CA SER A 256 -0.56 -17.85 7.27
C SER A 256 -1.64 -17.07 6.52
N LYS A 257 -1.62 -15.74 6.66
CA LYS A 257 -2.68 -14.89 6.17
C LYS A 257 -2.14 -13.84 5.21
N PRO A 258 -2.06 -14.20 3.93
CA PRO A 258 -1.51 -13.26 2.95
C PRO A 258 -2.40 -12.03 2.80
N PHE A 259 -1.81 -10.88 2.57
CA PHE A 259 -2.61 -9.72 2.19
C PHE A 259 -2.99 -9.94 0.74
N VAL A 260 -4.29 -9.94 0.44
CA VAL A 260 -4.78 -10.23 -0.90
C VAL A 260 -4.95 -8.97 -1.75
N GLY A 261 -4.35 -9.00 -2.93
CA GLY A 261 -4.35 -7.84 -3.80
C GLY A 261 -5.25 -8.06 -4.99
N VAL A 262 -5.91 -7.00 -5.44
CA VAL A 262 -6.64 -7.04 -6.70
C VAL A 262 -5.89 -6.19 -7.70
N LEU A 263 -5.26 -6.82 -8.69
CA LEU A 263 -4.66 -6.06 -9.79
C LEU A 263 -5.75 -5.21 -10.42
N SER A 264 -5.48 -3.92 -10.58
CA SER A 264 -6.48 -2.96 -11.00
C SER A 264 -5.91 -1.95 -11.98
N ALA A 265 -6.76 -1.40 -12.83
CA ALA A 265 -6.34 -0.39 -13.80
C ALA A 265 -7.07 0.92 -13.54
N GLY A 266 -6.30 1.96 -13.28
CA GLY A 266 -6.88 3.27 -13.03
C GLY A 266 -6.65 4.16 -14.23
N ILE A 267 -7.47 5.19 -14.34
CA ILE A 267 -7.32 6.17 -15.41
C ILE A 267 -6.81 7.49 -14.83
N ASN A 268 -5.71 8.00 -15.38
CA ASN A 268 -5.12 9.25 -14.94
C ASN A 268 -6.15 10.38 -14.99
N ALA A 269 -6.33 11.11 -13.88
CA ALA A 269 -7.25 12.23 -13.84
C ALA A 269 -6.89 13.27 -14.91
N ALA A 270 -5.61 13.33 -15.25
CA ALA A 270 -5.10 14.32 -16.19
C ALA A 270 -5.14 13.85 -17.66
N SER A 271 -5.55 12.62 -17.91
CA SER A 271 -5.62 12.09 -19.28
C SER A 271 -6.72 12.75 -20.10
N PRO A 272 -6.39 13.18 -21.34
CA PRO A 272 -7.47 13.70 -22.19
C PRO A 272 -8.09 12.57 -23.01
N ASN A 273 -7.72 11.34 -22.67
CA ASN A 273 -8.13 10.13 -23.39
C ASN A 273 -8.95 9.19 -22.52
N LYS A 274 -9.73 9.76 -21.61
CA LYS A 274 -10.46 8.92 -20.65
C LYS A 274 -11.44 7.99 -21.35
N GLU A 275 -12.07 8.47 -22.42
CA GLU A 275 -13.04 7.66 -23.16
C GLU A 275 -12.36 6.57 -23.97
N LEU A 276 -11.21 6.88 -24.58
CA LEU A 276 -10.36 5.86 -25.20
C LEU A 276 -9.90 4.80 -24.19
N ALA A 277 -9.49 5.24 -23.00
CA ALA A 277 -9.09 4.30 -21.95
C ALA A 277 -10.23 3.40 -21.53
N LYS A 278 -11.41 3.99 -21.37
CA LYS A 278 -12.61 3.23 -21.02
C LYS A 278 -12.89 2.17 -22.08
N GLU A 279 -12.80 2.56 -23.35
CA GLU A 279 -13.08 1.64 -24.44
C GLU A 279 -12.08 0.48 -24.42
N PHE A 280 -10.81 0.80 -24.26
CA PHE A 280 -9.77 -0.23 -24.19
C PHE A 280 -9.97 -1.20 -23.02
N LEU A 281 -10.16 -0.67 -21.82
CA LEU A 281 -10.23 -1.52 -20.65
C LEU A 281 -11.50 -2.40 -20.66
N GLU A 282 -12.62 -1.82 -21.06
CA GLU A 282 -13.89 -2.53 -20.99
C GLU A 282 -14.14 -3.47 -22.17
N ASN A 283 -13.73 -3.07 -23.37
CA ASN A 283 -14.09 -3.84 -24.55
C ASN A 283 -12.92 -4.56 -25.22
N TYR A 284 -11.70 -4.38 -24.68
CA TYR A 284 -10.56 -5.15 -25.18
C TYR A 284 -9.90 -5.96 -24.06
N LEU A 285 -9.52 -5.31 -22.97
CA LEU A 285 -8.84 -6.04 -21.89
C LEU A 285 -9.79 -6.94 -21.10
N LEU A 286 -10.87 -6.37 -20.58
CA LEU A 286 -11.77 -7.12 -19.70
C LEU A 286 -12.73 -7.97 -20.50
N THR A 287 -12.17 -8.83 -21.35
CA THR A 287 -12.94 -9.80 -22.12
C THR A 287 -12.23 -11.14 -22.01
N ASP A 288 -12.90 -12.22 -22.42
CA ASP A 288 -12.25 -13.53 -22.40
C ASP A 288 -10.93 -13.51 -23.19
N GLU A 289 -10.96 -12.90 -24.37
CA GLU A 289 -9.80 -12.89 -25.26
C GLU A 289 -8.68 -12.00 -24.73
N GLY A 290 -9.05 -10.84 -24.21
CA GLY A 290 -8.06 -9.92 -23.70
C GLY A 290 -7.33 -10.48 -22.49
N LEU A 291 -8.10 -11.03 -21.55
CA LEU A 291 -7.51 -11.53 -20.33
C LEU A 291 -6.65 -12.77 -20.61
N GLU A 292 -7.05 -13.56 -21.61
CA GLU A 292 -6.28 -14.74 -21.98
C GLU A 292 -4.91 -14.35 -22.52
N ALA A 293 -4.88 -13.32 -23.35
CA ALA A 293 -3.63 -12.83 -23.93
C ALA A 293 -2.63 -12.42 -22.83
N VAL A 294 -3.10 -11.69 -21.82
CA VAL A 294 -2.23 -11.35 -20.70
C VAL A 294 -1.89 -12.59 -19.87
N ASN A 295 -2.91 -13.40 -19.56
CA ASN A 295 -2.74 -14.60 -18.73
C ASN A 295 -1.72 -15.58 -19.32
N LYS A 296 -1.73 -15.72 -20.65
CA LYS A 296 -0.85 -16.67 -21.33
C LYS A 296 0.60 -16.17 -21.29
N ASP A 297 0.78 -14.88 -21.04
CA ASP A 297 2.09 -14.29 -20.84
C ASP A 297 2.58 -14.57 -19.40
N LYS A 298 1.88 -13.98 -18.43
CA LYS A 298 2.11 -14.26 -17.01
C LYS A 298 0.74 -14.41 -16.36
N PRO A 299 0.51 -15.52 -15.65
CA PRO A 299 -0.83 -15.75 -15.10
C PRO A 299 -1.32 -14.66 -14.17
N LEU A 300 -2.55 -14.21 -14.39
CA LEU A 300 -3.16 -13.16 -13.60
C LEU A 300 -3.61 -13.59 -12.20
N GLY A 301 -3.93 -14.87 -12.04
CA GLY A 301 -4.59 -15.34 -10.83
C GLY A 301 -6.07 -15.54 -11.10
N ALA A 302 -6.90 -15.30 -10.10
CA ALA A 302 -8.34 -15.46 -10.27
C ALA A 302 -8.98 -14.18 -10.81
N VAL A 303 -9.31 -14.17 -12.10
CA VAL A 303 -9.71 -12.92 -12.74
C VAL A 303 -11.07 -12.42 -12.28
N ALA A 304 -11.25 -11.09 -12.35
CA ALA A 304 -12.49 -10.47 -11.90
C ALA A 304 -13.64 -10.76 -12.84
N LEU A 305 -13.33 -11.09 -14.09
CA LEU A 305 -14.36 -11.36 -15.10
C LEU A 305 -14.96 -12.75 -14.91
N LYS A 306 -16.26 -12.80 -14.56
CA LYS A 306 -16.93 -14.06 -14.24
C LYS A 306 -16.76 -15.13 -15.33
N SER A 307 -17.07 -14.77 -16.57
CA SER A 307 -17.04 -15.74 -17.66
C SER A 307 -15.68 -16.45 -17.78
N TYR A 308 -14.60 -15.69 -17.68
CA TYR A 308 -13.28 -16.28 -17.88
C TYR A 308 -12.81 -16.98 -16.59
N GLU A 309 -13.19 -16.45 -15.43
CA GLU A 309 -12.80 -17.09 -14.18
C GLU A 309 -13.41 -18.49 -14.05
N GLU A 310 -14.59 -18.69 -14.62
CA GLU A 310 -15.25 -20.00 -14.61
C GLU A 310 -14.35 -21.05 -15.28
N GLU A 311 -13.56 -20.63 -16.26
CA GLU A 311 -12.59 -21.52 -16.89
C GLU A 311 -11.33 -21.68 -16.04
N LEU A 312 -10.75 -20.56 -15.58
CA LEU A 312 -9.49 -20.63 -14.85
C LEU A 312 -9.67 -21.33 -13.50
N ALA A 313 -10.91 -21.37 -13.01
CA ALA A 313 -11.20 -21.90 -11.68
C ALA A 313 -10.92 -23.38 -11.56
N LYS A 314 -10.87 -24.06 -12.69
CA LYS A 314 -10.67 -25.50 -12.70
C LYS A 314 -9.20 -25.85 -12.52
N ASP A 315 -8.33 -24.84 -12.63
CA ASP A 315 -6.90 -25.02 -12.46
C ASP A 315 -6.56 -25.16 -10.98
N PRO A 316 -5.94 -26.30 -10.61
CA PRO A 316 -5.55 -26.56 -9.22
C PRO A 316 -4.66 -25.45 -8.64
N ARG A 317 -3.88 -24.79 -9.49
CA ARG A 317 -3.02 -23.72 -9.01
C ARG A 317 -3.86 -22.50 -8.61
N ILE A 318 -4.96 -22.27 -9.33
CA ILE A 318 -5.86 -21.18 -8.98
C ILE A 318 -6.68 -21.55 -7.73
N ALA A 319 -7.11 -22.81 -7.66
CA ALA A 319 -7.80 -23.30 -6.47
C ALA A 319 -6.93 -23.09 -5.22
N ALA A 320 -5.64 -23.44 -5.32
CA ALA A 320 -4.67 -23.17 -4.27
C ALA A 320 -4.58 -21.67 -3.93
N THR A 321 -4.55 -20.85 -4.97
CA THR A 321 -4.45 -19.41 -4.81
C THR A 321 -5.62 -18.89 -3.99
N MET A 322 -6.82 -19.33 -4.33
CA MET A 322 -8.02 -18.87 -3.64
C MET A 322 -8.13 -19.47 -2.24
N GLU A 323 -7.60 -20.67 -2.05
CA GLU A 323 -7.51 -21.23 -0.70
C GLU A 323 -6.70 -20.29 0.18
N ASN A 324 -5.51 -19.92 -0.27
CA ASN A 324 -4.71 -18.97 0.48
C ASN A 324 -5.37 -17.60 0.62
N ALA A 325 -6.04 -17.14 -0.44
CA ALA A 325 -6.72 -15.86 -0.37
C ALA A 325 -7.80 -15.86 0.72
N GLN A 326 -8.52 -16.97 0.82
CA GLN A 326 -9.62 -17.06 1.80
C GLN A 326 -9.10 -17.06 3.24
N LYS A 327 -7.86 -17.47 3.43
CA LYS A 327 -7.28 -17.50 4.77
C LYS A 327 -6.67 -16.14 5.12
N GLY A 328 -6.41 -15.35 4.08
CA GLY A 328 -5.88 -14.01 4.26
C GLY A 328 -6.97 -12.95 4.25
N GLU A 329 -6.63 -11.77 3.75
CA GLU A 329 -7.51 -10.62 3.86
C GLU A 329 -7.27 -9.66 2.70
N ILE A 330 -8.35 -9.21 2.07
CA ILE A 330 -8.24 -8.17 1.04
C ILE A 330 -7.60 -6.91 1.62
N MET A 331 -6.60 -6.36 0.94
CA MET A 331 -5.96 -5.15 1.43
C MET A 331 -6.91 -3.95 1.52
N PRO A 332 -6.77 -3.14 2.57
CA PRO A 332 -7.41 -1.83 2.60
C PRO A 332 -6.91 -0.98 1.45
N ASN A 333 -7.61 0.09 1.09
CA ASN A 333 -7.05 1.01 0.11
C ASN A 333 -6.94 2.42 0.68
N ILE A 334 -6.92 2.52 2.01
CA ILE A 334 -6.81 3.80 2.70
C ILE A 334 -5.52 4.48 2.26
N PRO A 335 -5.50 5.82 2.25
CA PRO A 335 -4.36 6.56 1.69
C PRO A 335 -3.01 6.30 2.38
N GLN A 336 -2.99 5.87 3.65
CA GLN A 336 -1.70 5.61 4.28
C GLN A 336 -1.25 4.15 4.16
N MET A 337 -1.81 3.41 3.21
CA MET A 337 -1.31 2.07 2.98
C MET A 337 0.14 2.15 2.56
N SER A 338 0.48 3.17 1.79
CA SER A 338 1.85 3.36 1.33
C SER A 338 2.80 3.49 2.52
N ALA A 339 2.41 4.29 3.49
CA ALA A 339 3.24 4.54 4.66
C ALA A 339 3.34 3.28 5.51
N PHE A 340 2.24 2.53 5.56
CA PHE A 340 2.24 1.24 6.24
C PHE A 340 3.30 0.30 5.63
N TRP A 341 3.26 0.16 4.31
CA TRP A 341 4.19 -0.76 3.64
C TRP A 341 5.65 -0.35 3.77
N TYR A 342 5.92 0.96 3.67
CA TYR A 342 7.28 1.46 3.86
C TYR A 342 7.78 1.13 5.27
N ALA A 343 6.92 1.35 6.25
CA ALA A 343 7.26 1.12 7.64
C ALA A 343 7.61 -0.36 7.87
N VAL A 344 6.76 -1.25 7.38
CA VAL A 344 6.98 -2.67 7.59
C VAL A 344 8.15 -3.19 6.74
N ARG A 345 8.32 -2.64 5.53
CA ARG A 345 9.48 -2.99 4.70
C ARG A 345 10.79 -2.74 5.46
N THR A 346 10.91 -1.55 6.02
CA THR A 346 12.09 -1.17 6.78
C THR A 346 12.25 -2.08 8.01
N ALA A 347 11.16 -2.40 8.69
CA ALA A 347 11.23 -3.25 9.88
C ALA A 347 11.71 -4.66 9.56
N VAL A 348 11.22 -5.23 8.46
CA VAL A 348 11.65 -6.58 8.09
C VAL A 348 13.13 -6.58 7.68
N ILE A 349 13.50 -5.65 6.82
CA ILE A 349 14.89 -5.57 6.39
C ILE A 349 15.85 -5.30 7.56
N ASN A 350 15.48 -4.39 8.45
CA ASN A 350 16.35 -4.10 9.59
C ASN A 350 16.46 -5.27 10.58
N ALA A 351 15.36 -5.99 10.80
CA ALA A 351 15.39 -7.12 11.72
C ALA A 351 16.21 -8.25 11.12
N ALA A 352 15.97 -8.53 9.84
CA ALA A 352 16.67 -9.60 9.13
C ALA A 352 18.19 -9.35 9.08
N SER A 353 18.59 -8.09 8.93
CA SER A 353 20.01 -7.77 8.86
C SER A 353 20.64 -7.66 10.26
N GLY A 354 19.80 -7.64 11.29
CA GLY A 354 20.25 -7.39 12.64
C GLY A 354 20.55 -5.92 12.93
N ARG A 355 20.17 -5.02 12.03
CA ARG A 355 20.34 -3.59 12.26
C ARG A 355 19.48 -3.14 13.46
N GLN A 356 18.31 -3.74 13.58
CA GLN A 356 17.42 -3.53 14.72
C GLN A 356 17.00 -4.86 15.28
N THR A 357 16.69 -4.90 16.57
CA THR A 357 16.03 -6.07 17.13
C THR A 357 14.62 -6.13 16.56
N VAL A 358 14.01 -7.31 16.60
CA VAL A 358 12.63 -7.45 16.16
C VAL A 358 11.72 -6.48 16.91
N ASP A 359 11.83 -6.42 18.23
CA ASP A 359 11.01 -5.52 19.05
C ASP A 359 11.13 -4.04 18.66
N GLU A 360 12.36 -3.54 18.49
CA GLU A 360 12.53 -2.13 18.14
C GLU A 360 12.13 -1.87 16.69
N ALA A 361 12.41 -2.83 15.80
CA ALA A 361 12.02 -2.68 14.40
C ALA A 361 10.49 -2.54 14.25
N LEU A 362 9.76 -3.43 14.91
CA LEU A 362 8.30 -3.42 14.83
C LEU A 362 7.68 -2.24 15.58
N LYS A 363 8.31 -1.79 16.65
CA LYS A 363 7.88 -0.58 17.34
C LYS A 363 7.90 0.60 16.36
N ASP A 364 8.98 0.73 15.59
CA ASP A 364 9.10 1.82 14.61
C ASP A 364 8.05 1.69 13.51
N ALA A 365 7.83 0.48 13.03
CA ALA A 365 6.82 0.26 12.00
C ALA A 365 5.42 0.58 12.53
N GLN A 366 5.18 0.28 13.80
CA GLN A 366 3.91 0.65 14.45
C GLN A 366 3.72 2.17 14.43
N THR A 367 4.75 2.89 14.91
CA THR A 367 4.68 4.34 14.96
C THR A 367 4.51 4.93 13.54
N GLY A 368 5.27 4.39 12.59
CA GLY A 368 5.16 4.83 11.20
C GLY A 368 3.77 4.60 10.62
N SER A 369 3.20 3.44 10.90
CA SER A 369 1.88 3.11 10.37
C SER A 369 0.76 3.92 10.99
N GLU A 370 0.93 4.32 12.25
CA GLU A 370 -0.06 5.09 13.02
C GLU A 370 0.04 6.59 12.80
N LEU A 371 1.12 7.02 12.15
CA LEU A 371 1.49 8.42 12.20
C LEU A 371 0.42 9.32 11.61
N TYR A 372 -0.14 8.94 10.47
CA TYR A 372 -1.10 9.84 9.83
C TYR A 372 -2.33 10.04 10.74
N ARG A 373 -2.94 8.94 11.18
CA ARG A 373 -4.19 9.01 11.92
C ARG A 373 -4.01 9.65 13.30
N GLN A 374 -2.91 9.33 13.95
CA GLN A 374 -2.62 9.92 15.24
C GLN A 374 -2.39 11.42 15.11
N SER A 375 -1.65 11.81 14.08
CA SER A 375 -1.35 13.22 13.86
C SER A 375 -2.63 13.98 13.49
N LEU A 376 -3.47 13.35 12.69
CA LEU A 376 -4.72 13.98 12.27
C LEU A 376 -5.66 14.17 13.47
N GLU A 377 -5.71 13.18 14.34
CA GLU A 377 -6.56 13.29 15.53
C GLU A 377 -6.19 14.51 16.37
N ILE A 378 -4.89 14.68 16.62
CA ILE A 378 -4.39 15.80 17.40
C ILE A 378 -4.60 17.14 16.70
N ILE A 379 -4.20 17.21 15.44
CA ILE A 379 -4.24 18.45 14.70
C ILE A 379 -5.67 18.90 14.42
N SER A 380 -6.51 17.97 14.00
CA SER A 380 -7.92 18.28 13.78
C SER A 380 -8.61 18.80 15.03
N ARG A 381 -8.36 18.14 16.15
CA ARG A 381 -8.99 18.58 17.40
C ARG A 381 -8.47 19.95 17.80
N TYR A 382 -7.16 20.18 17.62
CA TYR A 382 -6.60 21.47 17.98
C TYR A 382 -7.19 22.59 17.13
N LEU A 383 -7.24 22.37 15.82
CA LEU A 383 -7.73 23.41 14.92
C LEU A 383 -9.19 23.71 15.22
N ARG A 384 -9.97 22.66 15.45
CA ARG A 384 -11.40 22.84 15.71
C ARG A 384 -11.68 23.57 17.01
N GLU A 385 -11.03 23.14 18.09
CA GLU A 385 -11.27 23.78 19.38
C GLU A 385 -10.74 25.23 19.39
N GLN A 386 -9.68 25.46 18.61
CA GLN A 386 -9.11 26.80 18.51
C GLN A 386 -10.06 27.70 17.73
N ALA A 387 -10.77 27.12 16.75
CA ALA A 387 -11.70 27.91 15.94
C ALA A 387 -13.00 28.21 16.68
N THR A 388 -13.51 27.22 17.42
CA THR A 388 -14.81 27.40 18.05
C THR A 388 -14.71 27.88 19.49
N GLY A 389 -13.55 27.69 20.09
CA GLY A 389 -13.37 28.11 21.47
C GLY A 389 -13.70 27.02 22.47
N ALA A 390 -14.22 25.89 22.00
CA ALA A 390 -14.62 24.80 22.89
C ALA A 390 -14.03 23.46 22.45
N ALA A 391 -13.65 22.64 23.42
CA ALA A 391 -13.05 21.35 23.13
C ALA A 391 -14.07 20.31 22.69
N ASP A 392 -13.56 19.31 21.97
CA ASP A 392 -14.32 18.11 21.62
C ASP A 392 -14.26 17.14 22.79
N THR A 393 -15.42 16.78 23.33
CA THR A 393 -15.47 15.89 24.49
C THR A 393 -15.56 14.41 24.11
N ALA A 394 -15.52 14.10 22.82
CA ALA A 394 -15.49 12.71 22.36
C ALA A 394 -14.25 12.00 22.86
N PRO A 395 -14.37 10.72 23.23
CA PRO A 395 -13.21 9.94 23.65
C PRO A 395 -12.11 9.90 22.60
N MET A 396 -10.87 9.91 23.08
CA MET A 396 -9.71 9.88 22.24
C MET A 396 -9.55 8.55 21.48
N GLY A 397 -9.97 7.45 22.10
CA GLY A 397 -9.86 6.14 21.47
C GLY A 397 -8.49 5.49 21.61
N ALA A 398 -8.11 4.66 20.64
CA ALA A 398 -6.87 3.89 20.71
C ALA A 398 -5.65 4.81 20.79
N SER A 399 -4.63 4.36 21.53
CA SER A 399 -3.49 5.20 21.88
C SER A 399 -3.97 6.53 22.45
N GLY A 400 -5.00 6.46 23.28
CA GLY A 400 -5.69 7.64 23.77
C GLY A 400 -4.85 8.49 24.69
N ALA A 401 -3.94 7.87 25.42
CA ALA A 401 -3.08 8.62 26.32
C ALA A 401 -2.14 9.50 25.49
N THR A 402 -1.62 8.96 24.40
CA THR A 402 -0.70 9.72 23.56
C THR A 402 -1.39 10.92 22.91
N SER A 403 -2.52 10.68 22.27
CA SER A 403 -3.28 11.78 21.65
C SER A 403 -3.69 12.82 22.67
N ARG A 404 -4.13 12.36 23.84
CA ARG A 404 -4.61 13.24 24.89
C ARG A 404 -3.47 14.10 25.44
N LYS A 405 -2.35 13.46 25.75
CA LYS A 405 -1.19 14.19 26.29
C LYS A 405 -0.54 15.11 25.26
N ALA A 406 -0.51 14.69 23.99
CA ALA A 406 0.02 15.56 22.93
C ALA A 406 -0.85 16.79 22.74
N LEU A 407 -2.17 16.60 22.76
CA LEU A 407 -3.06 17.73 22.63
C LEU A 407 -2.89 18.67 23.82
N GLU A 408 -2.74 18.11 25.02
CA GLU A 408 -2.53 18.93 26.21
C GLU A 408 -1.24 19.74 26.09
N THR A 409 -0.18 19.10 25.58
CA THR A 409 1.10 19.75 25.36
C THR A 409 1.02 20.83 24.28
N LEU A 410 0.35 20.50 23.18
CA LEU A 410 0.13 21.41 22.07
C LEU A 410 -0.66 22.65 22.48
N ARG A 411 -1.67 22.49 23.33
CA ARG A 411 -2.40 23.64 23.85
C ARG A 411 -1.47 24.56 24.66
N ARG A 412 -0.63 23.95 25.48
CA ARG A 412 0.21 24.71 26.41
C ARG A 412 1.27 25.48 25.64
N VAL A 413 2.01 24.77 24.81
CA VAL A 413 3.07 25.37 24.01
C VAL A 413 2.52 26.27 22.92
N GLY A 414 1.41 25.83 22.31
CA GLY A 414 0.78 26.54 21.23
C GLY A 414 0.24 27.90 21.61
N ASP A 415 -0.10 28.06 22.89
CA ASP A 415 -0.66 29.34 23.34
C ASP A 415 0.37 30.45 23.21
N GLY A 416 1.59 30.17 23.65
CA GLY A 416 2.67 31.12 23.54
C GLY A 416 3.06 31.39 22.09
N VAL A 417 3.15 30.32 21.30
CA VAL A 417 3.54 30.45 19.91
C VAL A 417 2.52 31.32 19.17
N GLN A 418 1.23 31.14 19.43
CA GLN A 418 0.24 31.94 18.73
C GLN A 418 0.26 33.41 19.14
N ARG A 419 0.41 33.66 20.44
CA ARG A 419 0.49 35.03 20.93
C ARG A 419 1.68 35.76 20.30
N ASN A 420 2.85 35.11 20.34
CA ASN A 420 4.06 35.73 19.80
C ASN A 420 4.04 35.86 18.28
N HIS A 421 3.37 34.95 17.58
CA HIS A 421 3.39 34.97 16.12
C HIS A 421 2.14 35.63 15.50
N GLU A 422 1.32 36.27 16.33
CA GLU A 422 0.03 36.78 15.87
C GLU A 422 0.21 37.76 14.71
N THR A 423 1.13 38.71 14.88
CA THR A 423 1.44 39.67 13.83
C THR A 423 1.96 38.97 12.57
N ALA A 424 2.88 38.03 12.74
CA ALA A 424 3.44 37.31 11.60
C ALA A 424 2.37 36.53 10.84
N PHE A 425 1.48 35.89 11.60
CA PHE A 425 0.43 35.07 11.01
C PHE A 425 -0.58 35.94 10.25
N GLN A 426 -0.94 37.07 10.84
CA GLN A 426 -1.88 38.00 10.21
C GLN A 426 -1.35 38.42 8.85
N GLY A 427 -0.07 38.77 8.79
CA GLY A 427 0.54 39.21 7.56
C GLY A 427 0.57 38.12 6.51
N MET A 428 0.87 36.90 6.97
CA MET A 428 0.97 35.75 6.08
C MET A 428 -0.39 35.40 5.49
N LEU A 429 -1.40 35.35 6.35
CA LEU A 429 -2.75 35.06 5.91
C LEU A 429 -3.20 36.07 4.86
N ARG A 430 -3.00 37.36 5.14
CA ARG A 430 -3.48 38.41 4.25
C ARG A 430 -2.91 38.25 2.85
N LYS A 431 -1.64 37.82 2.78
CA LYS A 431 -0.95 37.62 1.50
C LYS A 431 -1.47 36.41 0.74
N LEU A 432 -2.11 35.49 1.44
CA LEU A 432 -2.52 34.23 0.83
C LEU A 432 -3.96 34.20 0.30
N ASP A 433 -4.81 35.07 0.83
CA ASP A 433 -6.21 35.14 0.41
C ASP A 433 -6.87 33.76 0.38
N ILE A 434 -7.12 33.21 1.56
CA ILE A 434 -7.76 31.90 1.68
C ILE A 434 -9.26 32.05 1.90
N LYS A 435 -10.04 31.57 0.93
CA LYS A 435 -11.48 31.83 0.92
C LYS A 435 -12.31 30.58 1.17
N ASN A 436 -11.82 29.43 0.72
CA ASN A 436 -12.60 28.18 0.74
C ASN A 436 -11.75 26.93 0.59
N GLU A 437 -12.42 25.79 0.38
CA GLU A 437 -11.77 24.49 0.44
C GLU A 437 -10.80 24.27 -0.73
N ASP A 438 -11.03 24.96 -1.84
CA ASP A 438 -10.12 24.81 -2.98
C ASP A 438 -8.79 25.52 -2.74
N ASP A 439 -8.77 26.43 -1.78
CA ASP A 439 -7.55 27.16 -1.45
C ASP A 439 -6.72 26.38 -0.43
N VAL A 440 -7.35 25.41 0.21
CA VAL A 440 -6.73 24.67 1.31
C VAL A 440 -5.59 23.75 0.84
N LYS A 441 -5.76 23.17 -0.34
CA LYS A 441 -4.75 22.27 -0.90
C LYS A 441 -3.39 22.96 -1.05
N SER A 442 -3.37 24.03 -1.82
CA SER A 442 -2.15 24.82 -2.07
C SER A 442 -1.54 25.33 -0.77
N LEU A 443 -2.39 25.67 0.18
CA LEU A 443 -1.96 26.28 1.42
C LEU A 443 -1.00 25.40 2.21
N SER A 444 -1.33 24.12 2.31
CA SER A 444 -0.53 23.18 3.10
C SER A 444 0.89 23.07 2.56
N ARG A 445 1.01 23.05 1.23
CA ARG A 445 2.30 23.00 0.55
C ARG A 445 3.18 24.17 0.95
N VAL A 446 2.66 25.37 0.81
CA VAL A 446 3.40 26.58 1.17
C VAL A 446 3.79 26.55 2.65
N MET A 447 2.87 26.07 3.48
CA MET A 447 3.10 26.00 4.93
C MET A 447 4.29 25.09 5.27
N ILE A 448 4.48 24.04 4.48
CA ILE A 448 5.60 23.10 4.64
C ILE A 448 6.96 23.78 4.59
N HIS A 449 7.21 24.47 3.48
CA HIS A 449 8.49 25.13 3.25
C HIS A 449 8.72 26.24 4.28
N VAL A 450 7.75 27.15 4.39
CA VAL A 450 7.78 28.22 5.39
C VAL A 450 7.85 27.65 6.81
N GLY A 454 14.36 23.14 6.85
CA GLY A 454 15.72 22.87 7.27
C GLY A 454 15.82 21.79 8.34
N VAL A 455 16.53 22.06 9.43
CA VAL A 455 16.63 21.14 10.56
C VAL A 455 15.29 21.01 11.27
N THR A 456 14.81 19.78 11.43
CA THR A 456 13.51 19.56 12.05
C THR A 456 13.56 19.63 13.58
N ASN A 457 12.64 20.37 14.17
CA ASN A 457 12.46 20.30 15.62
C ASN A 457 11.00 20.51 15.97
N TRP A 458 10.63 20.20 17.21
CA TRP A 458 9.21 20.28 17.59
C TRP A 458 8.68 21.72 17.58
N GLY A 459 9.56 22.69 17.82
CA GLY A 459 9.14 24.07 17.90
C GLY A 459 8.62 24.53 16.55
N ARG A 460 9.33 24.13 15.50
CA ARG A 460 8.94 24.48 14.13
CA ARG A 460 8.93 24.52 14.15
C ARG A 460 7.60 23.85 13.78
N ILE A 461 7.41 22.62 14.25
CA ILE A 461 6.16 21.88 14.04
C ILE A 461 5.01 22.54 14.79
N VAL A 462 5.25 23.02 16.02
CA VAL A 462 4.22 23.79 16.74
C VAL A 462 3.85 25.06 15.97
N THR A 463 4.85 25.78 15.46
CA THR A 463 4.55 26.99 14.69
C THR A 463 3.72 26.67 13.46
N LEU A 464 4.03 25.58 12.76
CA LEU A 464 3.24 25.13 11.62
C LEU A 464 1.78 24.88 11.99
N ILE A 465 1.58 24.10 13.02
CA ILE A 465 0.23 23.76 13.45
C ILE A 465 -0.50 25.00 13.98
N SER A 466 0.24 25.87 14.68
CA SER A 466 -0.36 27.11 15.20
C SER A 466 -0.85 28.02 14.08
N PHE A 467 -0.14 28.04 12.94
CA PHE A 467 -0.64 28.83 11.81
C PHE A 467 -1.93 28.20 11.32
N GLY A 468 -1.96 26.88 11.30
CA GLY A 468 -3.16 26.13 10.97
C GLY A 468 -4.35 26.55 11.82
N ALA A 469 -4.12 26.67 13.12
CA ALA A 469 -5.17 27.06 14.07
C ALA A 469 -5.60 28.49 13.80
N PHE A 470 -4.62 29.34 13.55
CA PHE A 470 -4.91 30.73 13.17
C PHE A 470 -5.82 30.78 11.94
N VAL A 471 -5.49 29.99 10.92
CA VAL A 471 -6.29 29.96 9.69
C VAL A 471 -7.69 29.37 9.96
N ALA A 472 -7.74 28.35 10.80
CA ALA A 472 -9.01 27.73 11.21
C ALA A 472 -9.95 28.78 11.83
N LYS A 473 -9.39 29.64 12.66
CA LYS A 473 -10.19 30.69 13.29
C LYS A 473 -10.76 31.60 12.22
N HIS A 474 -9.91 31.95 11.26
CA HIS A 474 -10.33 32.78 10.14
C HIS A 474 -11.47 32.12 9.36
N LEU A 475 -11.31 30.84 9.04
CA LEU A 475 -12.33 30.14 8.27
C LEU A 475 -13.66 30.12 9.02
N LYS A 476 -13.62 29.90 10.33
CA LYS A 476 -14.82 29.93 11.16
C LYS A 476 -15.51 31.29 11.07
N THR A 477 -14.72 32.34 11.31
CA THR A 477 -15.17 33.72 11.22
C THR A 477 -15.87 34.07 9.91
N ILE A 478 -15.39 33.56 8.78
CA ILE A 478 -16.02 33.90 7.49
C ILE A 478 -17.03 32.84 7.04
N ASN A 479 -17.53 32.06 7.99
CA ASN A 479 -18.57 31.07 7.73
C ASN A 479 -18.10 30.01 6.74
N GLN A 480 -16.87 29.56 6.93
CA GLN A 480 -16.33 28.45 6.14
C GLN A 480 -15.82 27.38 7.09
N GLU A 481 -16.63 27.10 8.10
CA GLU A 481 -16.21 26.18 9.15
C GLU A 481 -16.02 24.76 8.59
N SER A 482 -16.64 24.48 7.45
CA SER A 482 -16.55 23.16 6.82
C SER A 482 -15.14 22.91 6.26
N CYS A 483 -14.37 23.97 6.10
CA CYS A 483 -13.04 23.87 5.50
C CYS A 483 -11.99 23.47 6.54
N ILE A 484 -12.38 23.49 7.81
CA ILE A 484 -11.40 23.22 8.85
C ILE A 484 -10.87 21.78 8.79
N GLU A 485 -11.74 20.81 8.55
CA GLU A 485 -11.26 19.43 8.50
C GLU A 485 -10.37 19.17 7.27
N PRO A 486 -10.72 19.68 6.07
CA PRO A 486 -9.69 19.51 5.03
C PRO A 486 -8.40 20.29 5.26
N LEU A 487 -8.46 21.41 5.98
CA LEU A 487 -7.23 22.11 6.36
C LEU A 487 -6.39 21.21 7.23
N ALA A 488 -7.03 20.65 8.25
CA ALA A 488 -6.35 19.75 9.18
C ALA A 488 -5.77 18.54 8.45
N GLU A 489 -6.54 17.96 7.53
CA GLU A 489 -6.06 16.80 6.79
C GLU A 489 -4.85 17.18 5.93
N SER A 490 -4.88 18.39 5.36
CA SER A 490 -3.80 18.83 4.48
C SER A 490 -2.51 19.13 5.24
N ILE A 491 -2.62 19.83 6.36
CA ILE A 491 -1.45 20.06 7.20
C ILE A 491 -0.86 18.73 7.68
N THR A 492 -1.75 17.81 8.06
CA THR A 492 -1.28 16.51 8.56
C THR A 492 -0.49 15.76 7.49
N ASP A 493 -1.04 15.72 6.28
CA ASP A 493 -0.41 15.01 5.16
C ASP A 493 0.98 15.59 4.88
N VAL A 494 1.06 16.91 4.88
CA VAL A 494 2.30 17.60 4.63
C VAL A 494 3.33 17.25 5.71
N LEU A 495 2.89 17.30 6.96
CA LEU A 495 3.78 17.05 8.08
C LEU A 495 4.31 15.61 8.06
N VAL A 496 3.41 14.62 8.07
CA VAL A 496 3.85 13.25 8.22
C VAL A 496 4.58 12.72 6.99
N ARG A 497 4.36 13.32 5.83
CA ARG A 497 5.10 12.88 4.65
C ARG A 497 6.50 13.48 4.63
N THR A 498 6.61 14.78 4.84
CA THR A 498 7.91 15.44 4.75
C THR A 498 8.82 15.14 5.95
N LYS A 499 8.23 14.86 7.11
CA LYS A 499 9.03 14.65 8.32
C LYS A 499 8.91 13.23 8.88
N ARG A 500 8.49 12.29 8.04
CA ARG A 500 8.28 10.90 8.44
C ARG A 500 9.42 10.32 9.28
N ASP A 501 10.63 10.35 8.72
CA ASP A 501 11.74 9.64 9.35
C ASP A 501 12.09 10.27 10.69
N TRP A 502 12.11 11.60 10.72
CA TRP A 502 12.36 12.33 11.96
C TRP A 502 11.28 12.01 12.99
N LEU A 503 10.01 12.06 12.58
CA LEU A 503 8.93 11.75 13.49
C LEU A 503 9.04 10.35 14.08
N VAL A 504 9.39 9.36 13.26
CA VAL A 504 9.54 7.99 13.79
C VAL A 504 10.73 7.92 14.75
N LYS A 505 11.79 8.63 14.42
CA LYS A 505 12.97 8.66 15.27
C LYS A 505 12.68 9.25 16.65
N GLN A 506 11.69 10.16 16.73
CA GLN A 506 11.28 10.77 18.00
C GLN A 506 10.27 9.90 18.76
N ARG A 507 9.96 8.74 18.19
CA ARG A 507 8.88 7.87 18.66
C ARG A 507 7.54 8.60 18.54
N GLY A 508 7.41 9.39 17.46
CA GLY A 508 6.19 10.10 17.20
C GLY A 508 5.83 11.12 18.26
N TRP A 509 4.55 11.21 18.57
CA TRP A 509 4.05 12.26 19.47
C TRP A 509 4.47 12.02 20.91
N ASP A 510 4.86 10.79 21.25
CA ASP A 510 5.41 10.55 22.58
C ASP A 510 6.66 11.40 22.79
N GLY A 511 7.44 11.59 21.74
CA GLY A 511 8.63 12.43 21.85
C GLY A 511 8.29 13.90 22.04
N PHE A 512 7.23 14.34 21.36
CA PHE A 512 6.70 15.70 21.51
C PHE A 512 6.31 15.98 22.96
N VAL A 513 5.55 15.05 23.54
CA VAL A 513 5.13 15.16 24.93
C VAL A 513 6.34 15.22 25.85
N GLU A 514 7.31 14.34 25.61
CA GLU A 514 8.49 14.30 26.45
C GLU A 514 9.35 15.56 26.30
N PHE A 515 9.49 16.06 25.08
CA PHE A 515 10.33 17.23 24.83
C PHE A 515 9.88 18.46 25.62
N PHE A 516 8.57 18.65 25.71
CA PHE A 516 8.01 19.82 26.37
C PHE A 516 7.50 19.56 27.79
N HIS A 517 7.82 18.40 28.36
CA HIS A 517 7.30 18.01 29.68
C HIS A 517 7.53 19.06 30.77
C1 GLC B . 3.47 -8.15 -6.84
C2 GLC B . 2.01 -7.84 -6.46
C3 GLC B . 1.91 -6.59 -5.60
C4 GLC B . 2.94 -6.60 -4.48
C5 GLC B . 4.33 -6.86 -5.02
C6 GLC B . 5.33 -6.95 -3.86
O1 GLC B . 3.90 -7.26 -7.84
O2 GLC B . 1.17 -7.69 -7.61
O3 GLC B . 0.63 -6.56 -4.99
O4 GLC B . 2.91 -5.38 -3.77
O5 GLC B . 4.37 -8.09 -5.75
O6 GLC B . 6.65 -6.98 -4.36
C1 GLC B . 2.26 -5.33 -2.53
C2 GLC B . 1.41 -4.07 -2.49
C3 GLC B . 2.33 -2.87 -2.65
C4 GLC B . 3.32 -2.89 -1.49
C5 GLC B . 4.10 -4.21 -1.46
C6 GLC B . 4.99 -4.32 -0.22
O2 GLC B . 0.48 -4.14 -3.56
O3 GLC B . 1.60 -1.64 -2.65
O4 GLC B . 4.22 -1.81 -1.61
O5 GLC B . 3.21 -5.30 -1.45
O6 GLC B . 5.89 -5.41 -0.35
MG MG C . 12.06 3.35 17.81
C1 EDO D . 2.79 8.58 18.63
O1 EDO D . 2.77 9.12 17.31
C2 EDO D . 3.58 7.27 18.65
O2 EDO D . 3.70 6.81 20.01
C1 EDO E . 24.64 -19.35 -0.87
O1 EDO E . 24.43 -18.23 -1.75
C2 EDO E . 25.80 -19.07 0.06
O2 EDO E . 27.01 -18.94 -0.70
C FMT F . 8.69 5.32 -18.85
O1 FMT F . 9.39 4.31 -18.89
O2 FMT F . 8.29 5.93 -19.85
C FMT G . 7.66 -11.02 -19.98
O1 FMT G . 8.58 -10.54 -19.33
O2 FMT G . 6.48 -10.72 -19.81
C FMT H . -6.37 -10.22 -27.78
O1 FMT H . -7.40 -9.54 -27.88
O2 FMT H . -5.39 -10.11 -28.53
C FMT I . -10.99 -1.52 0.10
O1 FMT I . -10.46 -2.60 -0.20
O2 FMT I . -11.38 -1.22 1.24
C FMT J . 3.94 -32.28 6.25
O1 FMT J . 4.84 -32.91 5.70
O2 FMT J . 4.08 -31.54 7.23
C FMT K . -5.04 -10.65 17.05
O1 FMT K . -5.66 -10.20 16.09
O2 FMT K . -4.16 -10.06 17.66
C FMT L . -10.96 -13.37 1.32
O1 FMT L . -10.42 -12.98 0.27
O2 FMT L . -10.70 -12.93 2.44
C FMT M . 4.01 10.41 26.61
O1 FMT M . 3.11 10.34 25.75
O2 FMT M . 5.19 10.12 26.42
C FMT N . -0.88 -20.00 -17.69
O1 FMT N . -1.88 -20.16 -17.00
O2 FMT N . -0.63 -19.00 -18.37
C FMT O . 9.21 4.44 17.72
O1 FMT O . 8.11 4.58 18.25
O2 FMT O . 10.17 3.97 18.32
#